data_9HXV
#
_entry.id   9HXV
#
_cell.length_a   48.440
_cell.length_b   89.130
_cell.length_c   268.250
_cell.angle_alpha   90.000
_cell.angle_beta   90.000
_cell.angle_gamma   90.000
#
_symmetry.space_group_name_H-M   'C 2 2 21'
#
loop_
_entity.id
_entity.type
_entity.pdbx_description
1 polymer 'Methylcytosine dioxygenase TET2'
2 polymer 12mer-DNA
3 non-polymer 'FE (II) ION'
4 non-polymer 'ZINC ION'
5 non-polymer '8-hydroxyquinoline-5-carboxylic acid'
6 non-polymer 'SULFATE ION'
7 non-polymer 'CHLORIDE ION'
8 water water
#
loop_
_entity_poly.entity_id
_entity_poly.type
_entity_poly.pdbx_seq_one_letter_code
_entity_poly.pdbx_strand_id
1 'polypeptide(L)'
;GSHMGGSDFPSCRCVEQIIEKDEGPFYTHLGAGPNVAAIREIMEERFGQKGKAIRIERVIYTGKEGKSSQGCPIAKWVVR
RSSSEEKLLCLVRERAGHTCEAAVIVILILVWEGIPLSLADKLYSELTETLRKYGTLTNRRCALNEERTCACQGLDPETC
GASFSFGCSWSMYYNGCKFARSKIPRKFKLLGDDPKEEEKLESHLQNLSTLMAPTYKKLAPDAYNNQIEYEHRAPECRLG
LKEGRPFSGVTACLDFCAHAHRDLHNMQNGSTLVCTLTREDNREFGGKPEDEQLHVLPLYKVSDVDEFGSVEAQEEKKRS
GAIQVLSSFRRKVRMLAEPVKTCRQRKLEAKKAAAEKLSGGGGSGGGGSGGGGSDEVWSDSEQSFLDPDIGGVAVAPTHG
SILIECAKRELHATTPLKNPNRNHPTRISLVFYQHKSMNEPKHGLALWEAKMAEKAREKEEECEKYG
;
A
2 'polydeoxyribonucleotide' (DA)(DC)(DA)(DC)(DA)(5CM)(DG)(DT)(DG)(DT)(DG)(DT) B,C
#
# COMPACT_ATOMS: atom_id res chain seq x y z
N SER A 11 16.97 7.52 20.36
CA SER A 11 16.84 7.78 21.79
C SER A 11 17.61 6.74 22.60
N CYS A 12 18.52 6.02 21.94
CA CYS A 12 19.33 4.99 22.56
C CYS A 12 20.81 5.31 22.38
N ARG A 13 21.66 4.49 22.98
CA ARG A 13 23.11 4.68 22.94
C ARG A 13 23.81 3.41 22.47
N CYS A 14 23.16 2.61 21.65
CA CYS A 14 23.72 1.35 21.17
C CYS A 14 24.92 1.59 20.26
N GLU A 20 22.20 5.44 11.23
CA GLU A 20 22.67 5.65 9.86
C GLU A 20 21.78 4.90 8.87
N LYS A 21 21.86 5.32 7.59
CA LYS A 21 20.87 4.89 6.59
C LYS A 21 20.85 3.38 6.39
N ASP A 22 21.99 2.71 6.61
CA ASP A 22 22.10 1.30 6.26
C ASP A 22 21.31 0.37 7.18
N GLU A 23 20.76 0.87 8.28
CA GLU A 23 19.86 0.06 9.09
C GLU A 23 18.40 0.26 8.71
N GLY A 24 18.12 1.18 7.79
CA GLY A 24 16.76 1.46 7.38
C GLY A 24 16.14 2.61 8.16
N PRO A 25 15.01 3.12 7.69
CA PRO A 25 14.33 4.22 8.40
C PRO A 25 13.89 3.79 9.78
N PHE A 26 14.06 4.67 10.75
CA PHE A 26 13.69 4.38 12.13
C PHE A 26 12.41 5.12 12.48
N TYR A 27 11.40 4.38 12.93
CA TYR A 27 10.14 4.91 13.42
C TYR A 27 9.52 3.83 14.29
N THR A 28 8.65 4.26 15.20
CA THR A 28 8.02 3.33 16.12
C THR A 28 6.50 3.43 16.14
N HIS A 29 5.89 4.25 15.27
CA HIS A 29 4.46 4.51 15.43
C HIS A 29 3.59 3.34 14.95
N LEU A 30 4.17 2.27 14.41
CA LEU A 30 3.43 1.04 14.18
C LEU A 30 3.67 -0.01 15.25
N GLY A 31 4.70 0.16 16.08
CA GLY A 31 5.03 -0.81 17.09
C GLY A 31 6.53 -1.02 17.22
N ALA A 32 7.01 -1.20 18.44
CA ALA A 32 8.43 -1.43 18.67
C ALA A 32 8.61 -2.14 20.02
N GLY A 33 9.68 -2.94 20.11
CA GLY A 33 9.98 -3.67 21.32
C GLY A 33 11.42 -4.12 21.35
N PRO A 34 11.86 -4.68 22.48
CA PRO A 34 13.27 -5.09 22.60
C PRO A 34 13.60 -6.36 21.83
N ASN A 35 12.60 -7.15 21.45
CA ASN A 35 12.84 -8.40 20.72
C ASN A 35 11.56 -8.82 20.05
N VAL A 36 11.65 -9.86 19.21
CA VAL A 36 10.50 -10.30 18.43
C VAL A 36 9.38 -10.78 19.34
N ALA A 37 9.73 -11.45 20.44
CA ALA A 37 8.71 -11.95 21.37
C ALA A 37 7.87 -10.81 21.93
N ALA A 38 8.48 -9.64 22.16
CA ALA A 38 7.72 -8.51 22.66
C ALA A 38 6.73 -7.99 21.63
N ILE A 39 7.08 -8.06 20.35
CA ILE A 39 6.16 -7.65 19.30
C ILE A 39 4.94 -8.57 19.29
N ARG A 40 5.14 -9.87 19.48
CA ARG A 40 4.00 -10.79 19.54
C ARG A 40 3.09 -10.45 20.70
N GLU A 41 3.67 -10.11 21.86
CA GLU A 41 2.86 -9.72 23.01
C GLU A 41 2.02 -8.48 22.68
N ILE A 42 2.62 -7.49 22.04
CA ILE A 42 1.89 -6.28 21.66
C ILE A 42 0.74 -6.63 20.71
N MET A 43 1.04 -7.39 19.65
CA MET A 43 0.03 -7.66 18.63
C MET A 43 -1.08 -8.58 19.15
N GLU A 44 -0.75 -9.53 20.03
CA GLU A 44 -1.79 -10.37 20.62
C GLU A 44 -2.74 -9.54 21.46
N GLU A 45 -2.22 -8.58 22.22
CA GLU A 45 -3.08 -7.70 23.00
C GLU A 45 -3.93 -6.81 22.10
N ARG A 46 -3.31 -6.20 21.09
CA ARG A 46 -4.06 -5.32 20.19
C ARG A 46 -5.15 -6.08 19.45
N PHE A 47 -4.81 -7.25 18.90
CA PHE A 47 -5.74 -7.95 18.03
C PHE A 47 -6.79 -8.74 18.81
N GLY A 48 -6.46 -9.16 20.03
CA GLY A 48 -7.39 -9.89 20.86
C GLY A 48 -7.33 -11.40 20.71
N GLN A 49 -6.41 -11.92 19.91
CA GLN A 49 -6.24 -13.36 19.73
C GLN A 49 -4.76 -13.70 19.87
N LYS A 50 -4.49 -14.94 20.26
CA LYS A 50 -3.13 -15.40 20.52
C LYS A 50 -2.81 -16.60 19.63
N GLY A 51 -1.54 -16.98 19.63
CA GLY A 51 -1.10 -18.18 18.94
C GLY A 51 -1.04 -18.05 17.43
N LYS A 52 -1.55 -19.09 16.74
CA LYS A 52 -1.42 -19.18 15.30
C LYS A 52 -2.20 -18.09 14.56
N ALA A 53 -3.12 -17.40 15.24
CA ALA A 53 -3.86 -16.32 14.60
C ALA A 53 -2.93 -15.20 14.15
N ILE A 54 -1.78 -15.05 14.79
CA ILE A 54 -0.83 -14.00 14.48
C ILE A 54 0.45 -14.62 13.94
N ARG A 55 0.93 -14.11 12.81
CA ARG A 55 2.17 -14.55 12.20
C ARG A 55 3.11 -13.37 12.06
N ILE A 56 4.36 -13.56 12.47
CA ILE A 56 5.37 -12.52 12.37
C ILE A 56 6.49 -13.03 11.46
N GLU A 57 6.90 -12.19 10.51
CA GLU A 57 8.02 -12.48 9.63
C GLU A 57 9.12 -11.48 9.88
N ARG A 58 10.34 -11.97 10.11
CA ARG A 58 11.51 -11.11 10.16
C ARG A 58 11.95 -10.79 8.74
N VAL A 59 12.13 -9.51 8.44
CA VAL A 59 12.67 -9.09 7.16
C VAL A 59 13.92 -8.25 7.39
N ILE A 60 14.85 -8.30 6.45
CA ILE A 60 16.18 -7.71 6.60
C ILE A 60 16.33 -6.59 5.59
N TYR A 61 16.68 -5.41 6.07
CA TYR A 61 16.91 -4.26 5.20
C TYR A 61 18.28 -4.37 4.55
N THR A 62 18.32 -4.35 3.22
CA THR A 62 19.58 -4.36 2.49
C THR A 62 19.88 -3.03 1.81
N GLY A 63 18.87 -2.24 1.48
CA GLY A 63 19.08 -1.01 0.76
C GLY A 63 19.42 -1.16 -0.70
N LYS A 64 19.32 -2.38 -1.24
CA LYS A 64 19.62 -2.64 -2.64
C LYS A 64 18.32 -3.03 -3.34
N GLU A 65 17.92 -2.24 -4.33
CA GLU A 65 16.56 -2.29 -4.86
C GLU A 65 16.40 -3.35 -5.93
N GLY A 66 15.40 -4.22 -5.77
CA GLY A 66 15.08 -5.19 -6.80
C GLY A 66 14.27 -4.56 -7.90
N LYS A 67 14.72 -4.73 -9.14
CA LYS A 67 14.00 -4.19 -10.29
C LYS A 67 14.41 -4.96 -11.53
N SER A 68 13.55 -4.90 -12.55
CA SER A 68 13.86 -5.54 -13.82
C SER A 68 14.95 -4.76 -14.54
N SER A 69 15.42 -5.33 -15.65
CA SER A 69 16.43 -4.68 -16.47
C SER A 69 15.92 -3.38 -17.08
N GLN A 70 14.61 -3.18 -17.15
CA GLN A 70 14.02 -1.94 -17.64
C GLN A 70 13.74 -0.95 -16.52
N GLY A 71 13.94 -1.33 -15.26
CA GLY A 71 13.70 -0.45 -14.14
C GLY A 71 12.35 -0.59 -13.48
N CYS A 72 11.66 -1.68 -13.71
CA CYS A 72 10.28 -1.83 -13.28
C CYS A 72 10.15 -2.85 -12.15
N PRO A 73 9.07 -2.81 -11.37
CA PRO A 73 9.04 -3.57 -10.11
C PRO A 73 9.02 -5.07 -10.31
N ILE A 74 9.72 -5.78 -9.41
CA ILE A 74 9.73 -7.23 -9.37
C ILE A 74 9.62 -7.68 -7.93
N ALA A 75 9.14 -8.92 -7.76
CA ALA A 75 9.18 -9.59 -6.47
C ALA A 75 10.23 -10.69 -6.51
N LYS A 76 10.88 -10.93 -5.37
CA LYS A 76 11.77 -12.07 -5.23
C LYS A 76 11.26 -13.12 -4.27
N TRP A 77 10.53 -12.71 -3.23
CA TRP A 77 9.88 -13.60 -2.28
C TRP A 77 8.45 -13.11 -2.09
N VAL A 78 7.51 -14.04 -1.93
CA VAL A 78 6.11 -13.69 -1.70
C VAL A 78 5.68 -14.29 -0.38
N VAL A 79 5.29 -13.44 0.56
CA VAL A 79 4.66 -13.88 1.80
C VAL A 79 3.18 -14.07 1.52
N ARG A 80 2.70 -15.31 1.70
CA ARG A 80 1.32 -15.66 1.42
C ARG A 80 0.65 -16.17 2.68
N ARG A 81 -0.64 -15.88 2.82
CA ARG A 81 -1.41 -16.37 3.95
C ARG A 81 -1.28 -17.89 4.04
N SER A 82 -0.81 -18.36 5.21
CA SER A 82 -0.46 -19.77 5.35
C SER A 82 -1.68 -20.67 5.49
N SER A 83 -2.77 -20.16 6.07
CA SER A 83 -3.99 -20.93 6.25
C SER A 83 -5.08 -19.96 6.68
N SER A 84 -6.32 -20.45 6.71
CA SER A 84 -7.42 -19.64 7.19
C SER A 84 -7.34 -19.36 8.69
N GLU A 85 -6.51 -20.09 9.43
CA GLU A 85 -6.31 -19.80 10.83
C GLU A 85 -5.41 -18.60 11.08
N GLU A 86 -4.61 -18.20 10.09
CA GLU A 86 -3.79 -17.00 10.20
C GLU A 86 -4.67 -15.78 9.94
N LYS A 87 -4.75 -14.88 10.93
CA LYS A 87 -5.59 -13.70 10.85
C LYS A 87 -4.83 -12.39 10.73
N LEU A 88 -3.58 -12.35 11.19
CA LEU A 88 -2.83 -11.10 11.22
C LEU A 88 -1.38 -11.39 10.87
N LEU A 89 -0.88 -10.71 9.84
CA LEU A 89 0.52 -10.80 9.43
C LEU A 89 1.25 -9.53 9.83
N CYS A 90 2.43 -9.70 10.43
N CYS A 90 2.46 -9.69 10.37
CA CYS A 90 3.26 -8.58 10.83
CA CYS A 90 3.24 -8.56 10.86
C CYS A 90 4.66 -8.80 10.31
C CYS A 90 4.70 -8.72 10.44
N LEU A 91 5.19 -7.81 9.60
CA LEU A 91 6.59 -7.81 9.19
C LEU A 91 7.37 -6.93 10.16
N VAL A 92 8.48 -7.44 10.67
CA VAL A 92 9.29 -6.71 11.64
C VAL A 92 10.73 -6.66 11.14
N ARG A 93 11.43 -5.58 11.51
CA ARG A 93 12.83 -5.40 11.21
C ARG A 93 13.61 -5.32 12.52
N GLU A 94 14.56 -6.25 12.70
CA GLU A 94 15.50 -6.14 13.80
C GLU A 94 16.65 -5.24 13.37
N ARG A 95 16.92 -4.22 14.17
CA ARG A 95 17.91 -3.21 13.84
C ARG A 95 19.28 -3.71 14.28
N ALA A 96 20.21 -3.79 13.33
CA ALA A 96 21.52 -4.37 13.60
C ALA A 96 22.26 -3.57 14.67
N GLY A 97 22.66 -4.26 15.73
CA GLY A 97 23.49 -3.67 16.77
C GLY A 97 22.75 -3.18 17.99
N HIS A 98 21.43 -3.05 17.93
CA HIS A 98 20.67 -2.43 19.01
C HIS A 98 20.22 -3.46 20.04
N THR A 99 20.31 -3.08 21.32
CA THR A 99 19.85 -3.89 22.43
C THR A 99 18.84 -3.12 23.29
N CYS A 100 18.24 -2.08 22.74
CA CYS A 100 17.43 -1.14 23.50
C CYS A 100 15.95 -1.52 23.43
N GLU A 101 15.09 -0.63 23.94
CA GLU A 101 13.66 -0.91 24.02
C GLU A 101 12.99 -0.89 22.65
N ALA A 102 13.64 -0.34 21.63
CA ALA A 102 13.09 -0.30 20.28
C ALA A 102 14.02 -0.96 19.29
N ALA A 103 14.64 -2.08 19.69
CA ALA A 103 15.55 -2.79 18.79
C ALA A 103 14.80 -3.41 17.61
N VAL A 104 13.55 -3.80 17.80
CA VAL A 104 12.75 -4.41 16.75
C VAL A 104 11.56 -3.49 16.48
N ILE A 105 11.33 -3.15 15.22
CA ILE A 105 10.22 -2.27 14.85
C ILE A 105 9.31 -2.98 13.84
N VAL A 106 8.03 -2.62 13.88
CA VAL A 106 7.02 -3.14 12.96
C VAL A 106 6.96 -2.25 11.74
N ILE A 107 7.04 -2.85 10.55
CA ILE A 107 7.00 -2.08 9.31
C ILE A 107 5.77 -2.39 8.46
N LEU A 108 5.04 -3.47 8.73
CA LEU A 108 3.83 -3.75 7.97
C LEU A 108 2.89 -4.61 8.78
N ILE A 109 1.60 -4.28 8.74
CA ILE A 109 0.54 -5.04 9.38
C ILE A 109 -0.50 -5.37 8.34
N LEU A 110 -0.89 -6.64 8.23
CA LEU A 110 -1.87 -7.09 7.25
C LEU A 110 -2.96 -7.89 7.95
N VAL A 111 -4.19 -7.38 7.89
CA VAL A 111 -5.36 -8.07 8.41
C VAL A 111 -6.01 -8.80 7.24
N TRP A 112 -5.94 -10.13 7.26
CA TRP A 112 -6.45 -10.89 6.12
C TRP A 112 -7.95 -10.69 5.96
N GLU A 113 -8.70 -10.73 7.06
CA GLU A 113 -10.15 -10.58 7.03
C GLU A 113 -10.52 -9.19 7.52
N GLY A 114 -10.32 -8.20 6.63
CA GLY A 114 -10.46 -6.80 6.99
C GLY A 114 -11.87 -6.26 6.97
N ILE A 115 -12.59 -6.42 5.86
CA ILE A 115 -13.96 -5.92 5.73
C ILE A 115 -14.85 -7.08 5.34
N PRO A 116 -16.16 -6.96 5.56
CA PRO A 116 -17.10 -8.01 5.16
C PRO A 116 -16.95 -8.35 3.68
N LEU A 117 -16.93 -9.65 3.38
CA LEU A 117 -16.73 -10.09 2.01
C LEU A 117 -17.86 -9.62 1.09
N SER A 118 -19.09 -9.52 1.61
CA SER A 118 -20.17 -9.03 0.78
C SER A 118 -20.00 -7.55 0.45
N LEU A 119 -19.41 -6.78 1.36
CA LEU A 119 -19.09 -5.39 1.06
C LEU A 119 -17.95 -5.28 0.06
N ALA A 120 -16.94 -6.14 0.22
CA ALA A 120 -15.83 -6.14 -0.75
C ALA A 120 -16.30 -6.53 -2.14
N ASP A 121 -17.20 -7.52 -2.22
CA ASP A 121 -17.80 -7.89 -3.50
C ASP A 121 -18.50 -6.70 -4.15
N LYS A 122 -19.27 -5.96 -3.37
CA LYS A 122 -20.06 -4.86 -3.92
C LYS A 122 -19.20 -3.68 -4.32
N LEU A 123 -18.21 -3.32 -3.48
CA LEU A 123 -17.31 -2.23 -3.83
C LEU A 123 -16.56 -2.50 -5.13
N TYR A 124 -16.12 -3.75 -5.32
CA TYR A 124 -15.40 -4.08 -6.55
C TYR A 124 -16.21 -3.69 -7.78
N SER A 125 -17.45 -4.19 -7.87
CA SER A 125 -18.27 -3.96 -9.05
C SER A 125 -18.70 -2.50 -9.17
N GLU A 126 -19.11 -1.88 -8.06
CA GLU A 126 -19.59 -0.51 -8.13
C GLU A 126 -18.46 0.46 -8.50
N LEU A 127 -17.30 0.32 -7.87
CA LEU A 127 -16.19 1.22 -8.16
C LEU A 127 -15.67 1.02 -9.58
N THR A 128 -15.59 -0.22 -10.04
CA THR A 128 -15.15 -0.47 -11.41
C THR A 128 -16.07 0.22 -12.41
N GLU A 129 -17.40 0.04 -12.26
CA GLU A 129 -18.33 0.60 -13.22
C GLU A 129 -18.35 2.13 -13.16
N THR A 130 -18.33 2.70 -11.95
CA THR A 130 -18.34 4.15 -11.83
C THR A 130 -17.07 4.76 -12.42
N LEU A 131 -15.90 4.24 -12.03
CA LEU A 131 -14.64 4.82 -12.46
C LEU A 131 -14.36 4.62 -13.94
N ARG A 132 -14.95 3.61 -14.56
CA ARG A 132 -14.70 3.42 -15.99
C ARG A 132 -15.63 4.29 -16.85
N LYS A 133 -16.79 4.66 -16.33
CA LYS A 133 -17.72 5.50 -17.08
C LYS A 133 -17.62 6.99 -16.75
N TYR A 134 -17.00 7.35 -15.61
CA TYR A 134 -16.92 8.74 -15.20
C TYR A 134 -15.59 9.13 -14.56
N GLY A 135 -14.64 8.21 -14.43
CA GLY A 135 -13.43 8.51 -13.68
C GLY A 135 -12.53 9.49 -14.40
N THR A 136 -11.98 10.44 -13.62
CA THR A 136 -10.95 11.36 -14.11
C THR A 136 -9.59 10.85 -13.62
N LEU A 137 -8.73 10.47 -14.56
CA LEU A 137 -7.45 9.89 -14.20
C LEU A 137 -6.56 10.90 -13.49
N THR A 138 -5.94 10.45 -12.40
CA THR A 138 -4.98 11.24 -11.65
C THR A 138 -3.58 10.77 -12.00
N ASN A 139 -2.79 11.66 -12.60
N ASN A 139 -2.79 11.66 -12.62
CA ASN A 139 -1.45 11.30 -13.07
CA ASN A 139 -1.45 11.29 -13.07
C ASN A 139 -0.46 11.34 -11.92
C ASN A 139 -0.47 11.32 -11.91
N ARG A 140 0.43 10.34 -11.89
CA ARG A 140 1.40 10.20 -10.80
C ARG A 140 2.77 9.85 -11.37
N ARG A 141 3.80 10.30 -10.67
CA ARG A 141 5.18 10.02 -11.08
C ARG A 141 5.46 8.51 -11.11
N CYS A 142 4.96 7.78 -10.11
CA CYS A 142 5.25 6.36 -10.03
C CYS A 142 4.50 5.53 -11.08
N ALA A 143 3.74 6.15 -11.99
CA ALA A 143 3.13 5.41 -13.08
C ALA A 143 4.15 4.95 -14.12
N LEU A 144 5.35 5.52 -14.12
CA LEU A 144 6.37 5.23 -15.11
C LEU A 144 7.68 4.87 -14.43
N ASN A 145 8.55 4.19 -15.17
CA ASN A 145 9.89 3.91 -14.65
C ASN A 145 10.74 5.19 -14.73
N GLU A 146 12.00 5.07 -14.31
CA GLU A 146 12.88 6.23 -14.25
C GLU A 146 13.06 6.87 -15.63
N GLU A 147 13.20 6.05 -16.67
CA GLU A 147 13.40 6.57 -18.02
C GLU A 147 12.10 7.05 -18.66
N ARG A 148 10.95 6.78 -18.04
CA ARG A 148 9.64 7.26 -18.51
C ARG A 148 9.30 6.69 -19.88
N THR A 149 9.68 5.42 -20.12
CA THR A 149 9.44 4.79 -21.41
C THR A 149 8.80 3.41 -21.31
N CYS A 150 8.43 2.96 -20.11
CA CYS A 150 7.86 1.62 -20.00
C CYS A 150 6.36 1.65 -20.32
N ALA A 151 5.78 0.46 -20.42
CA ALA A 151 4.38 0.29 -20.80
C ALA A 151 3.65 -0.59 -19.80
N CYS A 152 3.98 -0.44 -18.51
CA CYS A 152 3.49 -1.35 -17.49
C CYS A 152 2.00 -1.22 -17.23
N GLN A 153 1.40 -0.08 -17.56
CA GLN A 153 -0.06 0.05 -17.42
C GLN A 153 -0.82 -0.53 -18.59
N GLY A 154 -0.13 -0.94 -19.65
CA GLY A 154 -0.77 -1.21 -20.92
C GLY A 154 -0.84 0.04 -21.78
N LEU A 155 -1.05 -0.17 -23.07
CA LEU A 155 -0.97 0.90 -24.05
C LEU A 155 -2.32 1.27 -24.67
N ASP A 156 -3.39 0.54 -24.36
CA ASP A 156 -4.71 0.92 -24.81
C ASP A 156 -5.28 1.95 -23.84
N PRO A 157 -5.56 3.18 -24.28
CA PRO A 157 -6.08 4.19 -23.34
C PRO A 157 -7.42 3.83 -22.73
N GLU A 158 -8.22 3.02 -23.43
CA GLU A 158 -9.53 2.64 -22.92
C GLU A 158 -9.45 1.61 -21.79
N THR A 159 -8.34 0.87 -21.69
CA THR A 159 -8.24 -0.25 -20.76
C THR A 159 -7.05 -0.20 -19.81
N CYS A 160 -6.08 0.69 -20.02
CA CYS A 160 -4.85 0.63 -19.24
C CYS A 160 -5.12 0.88 -17.76
N GLY A 161 -4.25 0.34 -16.90
CA GLY A 161 -4.35 0.61 -15.48
C GLY A 161 -4.23 2.09 -15.20
N ALA A 162 -4.81 2.53 -14.09
CA ALA A 162 -4.90 3.95 -13.82
C ALA A 162 -5.17 4.19 -12.33
N SER A 163 -4.84 5.40 -11.91
CA SER A 163 -5.01 5.86 -10.54
C SER A 163 -6.04 6.99 -10.52
N PHE A 164 -6.90 7.01 -9.50
CA PHE A 164 -7.92 8.04 -9.33
C PHE A 164 -7.89 8.52 -7.90
N SER A 165 -7.73 9.84 -7.71
CA SER A 165 -7.52 10.41 -6.38
C SER A 165 -8.70 11.28 -5.97
N PHE A 166 -9.04 11.21 -4.68
CA PHE A 166 -10.21 11.88 -4.14
C PHE A 166 -9.89 12.44 -2.76
N GLY A 167 -10.82 13.21 -2.20
CA GLY A 167 -10.58 13.84 -0.92
C GLY A 167 -9.74 15.10 -1.07
N CYS A 168 -8.99 15.41 -0.03
CA CYS A 168 -8.11 16.57 -0.01
C CYS A 168 -6.66 16.15 -0.25
N SER A 169 -5.89 17.06 -0.84
CA SER A 169 -4.46 16.83 -1.08
C SER A 169 -3.69 18.09 -0.74
N TRP A 170 -2.44 17.90 -0.33
CA TRP A 170 -1.54 19.02 -0.07
C TRP A 170 -1.04 19.61 -1.38
N SER A 171 -0.83 20.93 -1.37
CA SER A 171 -0.35 21.65 -2.55
C SER A 171 0.77 22.58 -2.14
N MET A 172 1.86 22.55 -2.91
CA MET A 172 2.99 23.44 -2.63
C MET A 172 2.68 24.90 -2.93
N TYR A 173 1.66 25.16 -3.75
CA TYR A 173 1.33 26.55 -4.08
C TYR A 173 0.66 27.27 -2.92
N TYR A 174 -0.03 26.53 -2.05
CA TYR A 174 -0.66 27.10 -0.87
C TYR A 174 -0.01 26.62 0.42
N ASN A 175 0.98 25.73 0.33
CA ASN A 175 1.54 25.05 1.50
C ASN A 175 0.42 24.53 2.40
N GLY A 176 -0.54 23.89 1.76
CA GLY A 176 -1.74 23.45 2.46
C GLY A 176 -2.68 22.79 1.48
N CYS A 177 -3.94 22.68 1.87
CA CYS A 177 -4.91 21.97 1.06
C CYS A 177 -5.08 22.64 -0.31
N LYS A 178 -5.19 21.80 -1.35
CA LYS A 178 -5.38 22.28 -2.71
C LYS A 178 -6.72 22.99 -2.92
N PHE A 179 -7.66 22.87 -1.99
CA PHE A 179 -8.94 23.53 -2.08
C PHE A 179 -8.94 24.89 -1.39
N ALA A 180 -7.77 25.54 -1.29
CA ALA A 180 -7.65 26.75 -0.49
C ALA A 180 -8.53 27.88 -1.00
N ARG A 181 -8.87 27.88 -2.28
CA ARG A 181 -9.69 28.94 -2.86
C ARG A 181 -10.84 28.37 -3.68
N SER A 182 -11.32 27.19 -3.30
CA SER A 182 -12.51 26.59 -3.90
C SER A 182 -13.72 26.94 -3.05
N LYS A 183 -14.66 27.69 -3.62
CA LYS A 183 -15.85 28.08 -2.89
C LYS A 183 -16.62 26.86 -2.38
N ILE A 184 -16.80 25.87 -3.24
CA ILE A 184 -17.47 24.62 -2.86
C ILE A 184 -16.67 23.46 -3.43
N PRO A 185 -15.72 22.91 -2.68
CA PRO A 185 -14.87 21.85 -3.24
C PRO A 185 -15.63 20.56 -3.47
N ARG A 186 -15.24 19.86 -4.53
CA ARG A 186 -15.81 18.56 -4.89
C ARG A 186 -14.75 17.50 -4.61
N LYS A 187 -14.83 16.90 -3.42
CA LYS A 187 -13.84 15.89 -3.04
C LYS A 187 -13.89 14.66 -3.92
N PHE A 188 -15.02 14.40 -4.58
CA PHE A 188 -15.16 13.20 -5.38
C PHE A 188 -15.52 13.57 -6.81
N LYS A 189 -14.71 14.43 -7.41
CA LYS A 189 -14.96 14.93 -8.76
C LYS A 189 -14.89 13.81 -9.78
N LEU A 190 -15.94 13.70 -10.59
CA LEU A 190 -15.99 12.83 -11.75
C LEU A 190 -16.13 13.69 -13.00
N LEU A 191 -15.97 13.05 -14.16
CA LEU A 191 -15.98 13.79 -15.41
C LEU A 191 -17.32 14.47 -15.63
N GLY A 192 -17.26 15.68 -16.19
CA GLY A 192 -18.46 16.48 -16.36
C GLY A 192 -19.04 16.90 -15.02
N ASP A 193 -20.37 16.94 -14.96
CA ASP A 193 -21.09 17.28 -13.74
C ASP A 193 -22.27 16.33 -13.61
N ASP A 194 -22.19 15.42 -12.64
CA ASP A 194 -23.30 14.51 -12.32
C ASP A 194 -23.32 14.33 -10.82
N PRO A 195 -24.08 15.16 -10.10
CA PRO A 195 -24.09 15.07 -8.64
C PRO A 195 -24.57 13.73 -8.12
N LYS A 196 -25.51 13.08 -8.80
CA LYS A 196 -26.03 11.80 -8.35
C LYS A 196 -24.94 10.73 -8.35
N GLU A 197 -24.12 10.71 -9.41
CA GLU A 197 -23.05 9.71 -9.48
C GLU A 197 -21.94 10.03 -8.48
N GLU A 198 -21.59 11.31 -8.34
CA GLU A 198 -20.56 11.67 -7.38
C GLU A 198 -21.00 11.38 -5.95
N GLU A 199 -22.29 11.53 -5.65
CA GLU A 199 -22.78 11.25 -4.31
C GLU A 199 -22.76 9.76 -4.02
N LYS A 200 -23.06 8.93 -5.02
CA LYS A 200 -22.94 7.48 -4.83
C LYS A 200 -21.50 7.08 -4.56
N LEU A 201 -20.55 7.61 -5.35
CA LEU A 201 -19.15 7.33 -5.11
C LEU A 201 -18.72 7.82 -3.74
N GLU A 202 -19.11 9.05 -3.40
CA GLU A 202 -18.77 9.61 -2.08
C GLU A 202 -19.31 8.73 -0.96
N SER A 203 -20.54 8.25 -1.10
CA SER A 203 -21.13 7.43 -0.05
C SER A 203 -20.33 6.14 0.15
N HIS A 204 -19.89 5.52 -0.94
CA HIS A 204 -19.10 4.29 -0.82
C HIS A 204 -17.79 4.56 -0.07
N LEU A 205 -17.08 5.61 -0.45
CA LEU A 205 -15.76 5.86 0.12
C LEU A 205 -15.84 6.49 1.51
N GLN A 206 -16.87 7.28 1.79
CA GLN A 206 -17.06 7.78 3.15
C GLN A 206 -17.43 6.65 4.09
N ASN A 207 -18.29 5.74 3.65
CA ASN A 207 -18.65 4.59 4.47
C ASN A 207 -17.43 3.72 4.75
N LEU A 208 -16.56 3.55 3.75
CA LEU A 208 -15.37 2.73 3.95
C LEU A 208 -14.37 3.42 4.87
N SER A 209 -14.20 4.74 4.71
CA SER A 209 -13.38 5.48 5.66
C SER A 209 -13.87 5.27 7.09
N THR A 210 -15.19 5.29 7.28
CA THR A 210 -15.77 5.15 8.60
C THR A 210 -15.51 3.76 9.18
N LEU A 211 -15.60 2.73 8.34
CA LEU A 211 -15.42 1.36 8.80
C LEU A 211 -13.97 1.09 9.19
N MET A 212 -13.01 1.60 8.42
CA MET A 212 -11.61 1.25 8.63
C MET A 212 -10.96 2.02 9.78
N ALA A 213 -11.50 3.17 10.16
CA ALA A 213 -10.88 3.94 11.24
C ALA A 213 -10.77 3.16 12.55
N PRO A 214 -11.82 2.45 13.03
CA PRO A 214 -11.64 1.67 14.26
C PRO A 214 -10.64 0.53 14.13
N THR A 215 -10.55 -0.11 12.96
CA THR A 215 -9.50 -1.10 12.75
C THR A 215 -8.12 -0.47 12.84
N TYR A 216 -7.97 0.72 12.24
CA TYR A 216 -6.71 1.45 12.31
C TYR A 216 -6.35 1.76 13.77
N LYS A 217 -7.30 2.28 14.53
CA LYS A 217 -7.04 2.59 15.94
C LYS A 217 -6.65 1.35 16.72
N LYS A 218 -7.31 0.22 16.44
CA LYS A 218 -7.04 -1.00 17.19
C LYS A 218 -5.63 -1.54 16.95
N LEU A 219 -5.15 -1.46 15.72
CA LEU A 219 -3.95 -2.20 15.34
C LEU A 219 -2.70 -1.34 15.22
N ALA A 220 -2.84 -0.03 15.03
CA ALA A 220 -1.70 0.89 15.02
C ALA A 220 -2.11 2.15 15.77
N PRO A 221 -2.34 2.03 17.08
CA PRO A 221 -2.96 3.14 17.81
C PRO A 221 -2.11 4.40 17.87
N ASP A 222 -0.78 4.27 17.87
CA ASP A 222 0.07 5.46 17.92
C ASP A 222 0.02 6.24 16.62
N ALA A 223 0.03 5.55 15.47
CA ALA A 223 -0.11 6.24 14.21
C ALA A 223 -1.51 6.83 14.06
N TYR A 224 -2.53 6.09 14.49
CA TYR A 224 -3.90 6.59 14.45
C TYR A 224 -4.04 7.86 15.28
N ASN A 225 -3.50 7.86 16.50
CA ASN A 225 -3.66 9.00 17.39
C ASN A 225 -2.97 10.24 16.81
N ASN A 226 -1.80 10.06 16.19
CA ASN A 226 -1.16 11.17 15.51
C ASN A 226 -2.07 11.75 14.42
N GLN A 227 -2.75 10.88 13.67
CA GLN A 227 -3.52 11.37 12.53
C GLN A 227 -4.83 12.06 12.95
N ILE A 228 -5.26 11.92 14.20
CA ILE A 228 -6.49 12.58 14.65
C ILE A 228 -6.21 13.74 15.60
N GLU A 229 -4.97 14.24 15.64
CA GLU A 229 -4.65 15.29 16.61
C GLU A 229 -5.39 16.59 16.30
N TYR A 230 -5.51 16.93 15.01
CA TYR A 230 -6.15 18.19 14.62
C TYR A 230 -7.50 17.97 13.95
N GLU A 231 -8.17 16.85 14.26
CA GLU A 231 -9.45 16.54 13.63
C GLU A 231 -10.48 17.64 13.85
N HIS A 232 -10.56 18.18 15.07
CA HIS A 232 -11.54 19.21 15.37
C HIS A 232 -11.09 20.60 14.93
N ARG A 233 -9.85 20.75 14.46
CA ARG A 233 -9.37 22.03 13.94
C ARG A 233 -9.55 22.14 12.43
N ALA A 234 -9.43 21.04 11.71
CA ALA A 234 -9.56 21.03 10.25
C ALA A 234 -10.55 19.95 9.81
N PRO A 235 -11.81 20.03 10.26
CA PRO A 235 -12.77 18.98 9.90
C PRO A 235 -13.08 18.90 8.42
N GLU A 236 -12.99 20.03 7.69
CA GLU A 236 -13.29 20.00 6.27
C GLU A 236 -12.26 19.23 5.47
N CYS A 237 -11.08 18.99 6.02
CA CYS A 237 -10.03 18.21 5.35
C CYS A 237 -9.95 16.79 5.89
N ARG A 238 -11.05 16.22 6.38
CA ARG A 238 -11.06 14.85 6.87
C ARG A 238 -12.23 14.08 6.26
N LEU A 239 -12.00 12.81 5.97
CA LEU A 239 -13.04 11.88 5.53
C LEU A 239 -13.68 11.21 6.75
N GLY A 240 -14.81 10.55 6.52
CA GLY A 240 -15.41 9.74 7.57
C GLY A 240 -16.63 10.41 8.19
N LEU A 241 -17.54 9.58 8.68
CA LEU A 241 -18.85 10.03 9.15
C LEU A 241 -19.02 10.05 10.66
N LYS A 242 -18.07 9.51 11.42
CA LYS A 242 -18.19 9.38 12.86
C LYS A 242 -16.95 9.96 13.52
N GLU A 243 -17.05 10.24 14.82
CA GLU A 243 -15.91 10.76 15.57
C GLU A 243 -14.72 9.83 15.44
N GLY A 244 -13.55 10.41 15.13
CA GLY A 244 -12.34 9.63 14.88
C GLY A 244 -12.05 9.53 13.40
N ARG A 245 -11.47 10.58 12.82
CA ARG A 245 -11.34 10.71 11.37
C ARG A 245 -9.87 10.88 11.00
N PRO A 246 -9.11 9.77 10.89
CA PRO A 246 -7.66 9.91 10.61
C PRO A 246 -7.31 10.23 9.17
N PHE A 247 -8.21 10.01 8.20
CA PHE A 247 -7.86 10.10 6.79
C PHE A 247 -8.29 11.44 6.19
N SER A 248 -7.56 11.86 5.16
CA SER A 248 -7.84 13.12 4.47
CA SER A 248 -7.90 13.11 4.47
C SER A 248 -7.99 12.89 2.97
N GLY A 249 -7.26 11.91 2.43
CA GLY A 249 -7.33 11.59 1.02
C GLY A 249 -7.44 10.10 0.80
N VAL A 250 -7.94 9.74 -0.38
CA VAL A 250 -8.07 8.35 -0.77
C VAL A 250 -7.83 8.24 -2.28
N THR A 251 -7.05 7.24 -2.67
CA THR A 251 -6.75 6.97 -4.08
C THR A 251 -7.16 5.55 -4.42
N ALA A 252 -7.89 5.39 -5.52
CA ALA A 252 -8.25 4.08 -6.05
C ALA A 252 -7.31 3.74 -7.20
N CYS A 253 -6.71 2.55 -7.14
CA CYS A 253 -5.77 2.08 -8.15
C CYS A 253 -6.34 0.82 -8.80
N LEU A 254 -6.59 0.88 -10.11
CA LEU A 254 -7.19 -0.21 -10.86
C LEU A 254 -6.14 -0.79 -11.81
N ASP A 255 -5.65 -2.00 -11.50
CA ASP A 255 -4.62 -2.65 -12.31
C ASP A 255 -3.42 -1.74 -12.55
N PHE A 256 -3.10 -0.94 -11.56
CA PHE A 256 -2.11 0.12 -11.67
C PHE A 256 -0.76 -0.38 -11.16
N CYS A 257 0.28 -0.25 -11.97
CA CYS A 257 1.63 -0.62 -11.57
C CYS A 257 2.28 0.60 -10.93
N ALA A 258 2.42 0.58 -9.61
CA ALA A 258 3.11 1.63 -8.89
C ALA A 258 4.60 1.30 -8.85
N HIS A 259 5.40 2.04 -9.61
CA HIS A 259 6.84 1.82 -9.57
C HIS A 259 7.39 2.29 -8.22
N ALA A 260 8.57 1.77 -7.87
CA ALA A 260 9.12 1.96 -6.53
C ALA A 260 9.17 3.43 -6.16
N HIS A 261 8.61 3.76 -5.00
CA HIS A 261 8.54 5.16 -4.60
C HIS A 261 8.22 5.25 -3.12
N ARG A 262 8.30 6.47 -2.61
CA ARG A 262 7.77 6.85 -1.31
C ARG A 262 6.78 7.97 -1.51
N ASP A 263 5.81 8.07 -0.59
CA ASP A 263 4.80 9.12 -0.64
C ASP A 263 5.29 10.27 0.23
N LEU A 264 6.01 11.20 -0.41
CA LEU A 264 6.87 12.12 0.33
C LEU A 264 6.08 13.22 1.03
N HIS A 265 4.90 13.60 0.53
CA HIS A 265 4.12 14.63 1.19
C HIS A 265 3.01 14.06 2.06
N ASN A 266 3.05 12.77 2.37
CA ASN A 266 2.27 12.25 3.49
C ASN A 266 2.80 12.86 4.79
N MET A 267 1.93 12.93 5.79
CA MET A 267 2.31 13.58 7.04
C MET A 267 3.32 12.73 7.80
N GLN A 268 4.16 13.41 8.58
CA GLN A 268 5.16 12.74 9.39
C GLN A 268 4.49 12.00 10.54
N ASN A 269 4.98 10.79 10.82
CA ASN A 269 4.50 9.93 11.90
C ASN A 269 3.08 9.44 11.69
N GLY A 270 2.63 9.37 10.44
CA GLY A 270 1.40 8.69 10.07
C GLY A 270 1.68 7.40 9.34
N SER A 271 0.62 6.83 8.78
CA SER A 271 0.79 5.65 7.95
C SER A 271 -0.30 5.64 6.89
N THR A 272 -0.26 4.65 6.00
N THR A 272 -0.25 4.63 6.03
CA THR A 272 -1.27 4.48 4.98
CA THR A 272 -1.21 4.43 4.96
C THR A 272 -1.97 3.14 5.14
C THR A 272 -1.96 3.12 5.17
N LEU A 273 -3.28 3.14 4.96
CA LEU A 273 -4.10 1.94 5.00
C LEU A 273 -4.58 1.61 3.59
N VAL A 274 -4.45 0.33 3.21
CA VAL A 274 -4.79 -0.14 1.87
C VAL A 274 -5.84 -1.23 1.99
N CYS A 275 -7.00 -1.01 1.38
CA CYS A 275 -8.03 -2.03 1.28
C CYS A 275 -7.96 -2.63 -0.12
N THR A 276 -7.75 -3.94 -0.20
CA THR A 276 -7.58 -4.63 -1.47
C THR A 276 -8.87 -5.31 -1.88
N LEU A 277 -9.25 -5.15 -3.14
CA LEU A 277 -10.36 -5.88 -3.75
C LEU A 277 -9.80 -6.61 -4.97
N THR A 278 -10.28 -7.83 -5.21
CA THR A 278 -9.72 -8.65 -6.27
C THR A 278 -10.82 -9.14 -7.22
N ARG A 279 -10.38 -9.51 -8.43
CA ARG A 279 -11.26 -10.08 -9.43
C ARG A 279 -11.89 -11.37 -8.91
N GLU A 280 -13.03 -11.75 -9.52
CA GLU A 280 -13.83 -12.84 -9.00
C GLU A 280 -13.14 -14.20 -9.07
N ASP A 281 -12.06 -14.32 -9.84
CA ASP A 281 -11.33 -15.58 -9.92
C ASP A 281 -10.27 -15.72 -8.83
N ASN A 282 -10.18 -14.77 -7.90
CA ASN A 282 -9.18 -14.80 -6.84
C ASN A 282 -9.82 -14.42 -5.51
N ARG A 283 -10.86 -15.16 -5.11
CA ARG A 283 -11.60 -14.82 -3.89
C ARG A 283 -11.78 -16.00 -2.95
N GLU A 284 -11.15 -17.13 -3.21
CA GLU A 284 -11.18 -18.28 -2.32
C GLU A 284 -9.76 -18.65 -1.93
N PHE A 285 -9.58 -19.09 -0.68
CA PHE A 285 -8.23 -19.33 -0.16
C PHE A 285 -7.50 -20.41 -0.96
N GLY A 286 -8.21 -21.45 -1.37
CA GLY A 286 -7.55 -22.50 -2.12
C GLY A 286 -7.29 -22.20 -3.58
N GLY A 287 -7.59 -20.99 -4.03
CA GLY A 287 -7.62 -20.71 -5.45
C GLY A 287 -6.25 -20.54 -6.09
N LYS A 288 -6.23 -20.74 -7.40
CA LYS A 288 -5.06 -20.51 -8.24
C LYS A 288 -5.48 -19.55 -9.35
N PRO A 289 -5.37 -18.25 -9.13
CA PRO A 289 -5.88 -17.29 -10.09
C PRO A 289 -5.04 -17.21 -11.35
N GLU A 290 -5.66 -16.67 -12.40
CA GLU A 290 -4.97 -16.57 -13.69
C GLU A 290 -3.91 -15.47 -13.66
N ASP A 291 -4.17 -14.38 -12.94
CA ASP A 291 -3.18 -13.34 -12.74
C ASP A 291 -3.36 -12.77 -11.34
N GLU A 292 -2.44 -11.90 -10.93
CA GLU A 292 -2.36 -11.49 -9.54
C GLU A 292 -1.38 -10.32 -9.41
N GLN A 293 -1.73 -9.35 -8.57
CA GLN A 293 -0.84 -8.23 -8.31
C GLN A 293 -0.30 -8.32 -6.88
N LEU A 294 0.97 -7.97 -6.72
CA LEU A 294 1.65 -8.06 -5.43
C LEU A 294 2.10 -6.69 -4.96
N HIS A 295 2.16 -6.53 -3.64
CA HIS A 295 2.70 -5.33 -2.99
C HIS A 295 4.11 -5.65 -2.52
N VAL A 296 5.09 -4.82 -2.93
CA VAL A 296 6.51 -5.15 -2.81
C VAL A 296 7.25 -4.10 -1.99
N LEU A 297 8.15 -4.56 -1.12
CA LEU A 297 9.15 -3.72 -0.44
C LEU A 297 10.50 -4.01 -1.08
N PRO A 298 10.93 -3.21 -2.05
CA PRO A 298 12.10 -3.59 -2.87
C PRO A 298 13.43 -3.59 -2.13
N LEU A 299 13.52 -3.07 -0.90
CA LEU A 299 14.79 -2.94 -0.22
C LEU A 299 14.99 -3.98 0.88
N TYR A 300 14.20 -5.05 0.88
CA TYR A 300 14.23 -6.05 1.95
C TYR A 300 14.40 -7.45 1.37
N LYS A 301 15.03 -8.32 2.15
CA LYS A 301 15.07 -9.75 1.88
C LYS A 301 14.46 -10.48 3.06
N VAL A 302 14.13 -11.76 2.85
CA VAL A 302 13.55 -12.56 3.92
C VAL A 302 14.64 -13.13 4.81
N SER A 303 14.24 -13.56 6.00
CA SER A 303 15.17 -14.15 6.95
C SER A 303 15.36 -15.64 6.68
N ASP A 304 16.44 -16.19 7.22
CA ASP A 304 16.67 -17.62 7.19
C ASP A 304 16.02 -18.35 8.36
N VAL A 305 15.47 -17.63 9.34
CA VAL A 305 14.77 -18.23 10.47
C VAL A 305 13.37 -17.65 10.55
N ASP A 306 12.48 -18.38 11.22
CA ASP A 306 11.11 -17.94 11.40
C ASP A 306 11.02 -16.98 12.59
N GLU A 307 9.79 -16.65 12.99
CA GLU A 307 9.58 -15.71 14.09
C GLU A 307 10.32 -16.13 15.35
N PHE A 308 10.30 -17.43 15.66
CA PHE A 308 10.87 -17.94 16.90
C PHE A 308 12.33 -18.35 16.75
N GLY A 309 12.94 -18.11 15.60
CA GLY A 309 14.36 -18.33 15.42
C GLY A 309 14.75 -19.69 14.87
N SER A 310 13.81 -20.45 14.32
CA SER A 310 14.05 -21.80 13.86
C SER A 310 14.35 -21.83 12.37
N VAL A 311 15.48 -22.43 12.01
CA VAL A 311 15.83 -22.59 10.60
C VAL A 311 14.85 -23.54 9.91
N GLU A 312 14.57 -24.68 10.55
CA GLU A 312 13.71 -25.69 9.94
C GLU A 312 12.29 -25.17 9.74
N ALA A 313 11.80 -24.33 10.67
CA ALA A 313 10.46 -23.76 10.51
C ALA A 313 10.39 -22.88 9.27
N GLN A 314 11.46 -22.11 9.01
CA GLN A 314 11.48 -21.27 7.83
C GLN A 314 11.54 -22.10 6.56
N GLU A 315 12.28 -23.21 6.59
CA GLU A 315 12.36 -24.08 5.41
C GLU A 315 11.02 -24.73 5.12
N GLU A 316 10.27 -25.11 6.17
CA GLU A 316 8.96 -25.71 5.94
C GLU A 316 7.99 -24.71 5.33
N LYS A 317 8.06 -23.44 5.73
CA LYS A 317 7.21 -22.43 5.11
C LYS A 317 7.57 -22.21 3.66
N LYS A 318 8.84 -22.39 3.29
CA LYS A 318 9.23 -22.29 1.89
C LYS A 318 8.70 -23.48 1.09
N ARG A 319 8.71 -24.67 1.68
CA ARG A 319 8.21 -25.84 0.97
C ARG A 319 6.69 -25.84 0.86
N SER A 320 6.01 -25.23 1.83
CA SER A 320 4.55 -25.22 1.83
C SER A 320 3.96 -24.09 1.00
N GLY A 321 4.76 -23.11 0.59
CA GLY A 321 4.27 -21.98 -0.15
C GLY A 321 3.98 -20.75 0.68
N ALA A 322 3.99 -20.86 2.01
CA ALA A 322 3.78 -19.69 2.86
C ALA A 322 4.82 -18.61 2.59
N ILE A 323 6.01 -19.00 2.14
CA ILE A 323 6.99 -18.07 1.60
C ILE A 323 7.39 -18.65 0.24
N GLN A 324 7.02 -17.96 -0.82
CA GLN A 324 7.30 -18.44 -2.17
C GLN A 324 8.61 -17.84 -2.65
N VAL A 325 9.58 -18.71 -2.93
CA VAL A 325 10.87 -18.29 -3.46
C VAL A 325 10.75 -18.27 -4.98
N LEU A 326 10.74 -17.07 -5.55
CA LEU A 326 10.63 -16.91 -7.00
C LEU A 326 12.00 -17.10 -7.66
N SER A 327 11.98 -17.29 -8.97
CA SER A 327 13.19 -17.37 -9.77
C SER A 327 13.11 -16.34 -10.89
N SER A 328 14.25 -16.08 -11.52
CA SER A 328 14.33 -15.03 -12.52
C SER A 328 13.50 -15.38 -13.75
N PHE A 329 13.06 -14.35 -14.46
CA PHE A 329 12.28 -14.50 -15.66
C PHE A 329 12.95 -13.76 -16.82
N ARG A 330 12.53 -14.09 -18.03
CA ARG A 330 12.90 -13.32 -19.22
C ARG A 330 11.65 -13.25 -20.10
N ARG A 331 11.06 -12.06 -20.17
CA ARG A 331 9.82 -11.85 -20.91
C ARG A 331 10.00 -10.69 -21.87
N LYS A 332 9.12 -10.63 -22.87
CA LYS A 332 9.08 -9.52 -23.81
C LYS A 332 8.10 -8.48 -23.30
N VAL A 333 8.50 -7.21 -23.34
CA VAL A 333 7.65 -6.09 -22.94
C VAL A 333 7.68 -5.06 -24.06
N ARG A 334 6.92 -3.99 -23.88
CA ARG A 334 6.93 -2.86 -24.79
C ARG A 334 7.76 -1.73 -24.21
N MET A 335 8.40 -0.97 -25.08
CA MET A 335 9.14 0.23 -24.69
C MET A 335 8.75 1.36 -25.63
N LEU A 336 8.28 2.46 -25.07
CA LEU A 336 7.89 3.62 -25.86
C LEU A 336 9.08 4.18 -26.62
N ALA A 337 8.84 4.56 -27.88
CA ALA A 337 9.90 5.13 -28.70
C ALA A 337 10.34 6.51 -28.22
N GLU A 338 9.48 7.22 -27.50
CA GLU A 338 9.88 8.49 -26.91
C GLU A 338 9.32 8.61 -25.50
N PRO A 339 10.06 9.25 -24.60
CA PRO A 339 9.61 9.33 -23.20
C PRO A 339 8.39 10.23 -23.04
N VAL A 340 7.58 9.90 -22.03
CA VAL A 340 6.46 10.76 -21.67
C VAL A 340 7.00 12.05 -21.06
N LYS A 341 6.54 13.19 -21.57
CA LYS A 341 7.09 14.47 -21.13
C LYS A 341 6.62 14.84 -19.73
N THR A 342 7.32 15.80 -19.14
CA THR A 342 6.99 16.27 -17.80
C THR A 342 7.57 17.66 -17.56
N GLY A 373 4.59 5.55 -30.99
CA GLY A 373 4.95 4.17 -31.27
C GLY A 373 5.76 3.52 -30.17
N SER A 374 5.85 2.20 -30.21
CA SER A 374 6.64 1.45 -29.24
C SER A 374 7.35 0.30 -29.95
N ASP A 375 8.20 -0.39 -29.20
CA ASP A 375 8.97 -1.51 -29.69
C ASP A 375 9.00 -2.62 -28.64
N GLU A 376 9.19 -3.85 -29.11
CA GLU A 376 9.30 -5.00 -28.23
C GLU A 376 10.75 -5.17 -27.81
N VAL A 377 10.99 -5.32 -26.51
CA VAL A 377 12.34 -5.53 -25.99
C VAL A 377 12.31 -6.66 -24.98
N TRP A 378 13.48 -7.27 -24.79
CA TRP A 378 13.63 -8.32 -23.79
C TRP A 378 13.88 -7.70 -22.41
N SER A 379 13.09 -8.14 -21.43
CA SER A 379 13.19 -7.68 -20.05
C SER A 379 13.43 -8.89 -19.16
N ASP A 380 14.45 -8.80 -18.31
CA ASP A 380 14.78 -9.90 -17.41
C ASP A 380 15.04 -9.38 -16.01
N SER A 381 15.08 -10.30 -15.06
CA SER A 381 15.39 -10.01 -13.67
C SER A 381 16.60 -10.80 -13.18
N GLU A 382 17.43 -11.27 -14.12
CA GLU A 382 18.51 -12.20 -13.78
C GLU A 382 19.47 -11.61 -12.77
N GLN A 383 19.85 -10.34 -12.93
CA GLN A 383 20.85 -9.76 -12.06
C GLN A 383 20.30 -9.52 -10.65
N SER A 384 19.01 -9.15 -10.55
CA SER A 384 18.40 -9.00 -9.23
C SER A 384 18.38 -10.32 -8.48
N PHE A 385 18.24 -11.44 -9.20
CA PHE A 385 18.20 -12.74 -8.54
C PHE A 385 19.59 -13.33 -8.29
N LEU A 386 20.61 -12.87 -9.01
CA LEU A 386 21.96 -13.36 -8.76
C LEU A 386 22.51 -12.85 -7.43
N ASP A 387 22.10 -11.66 -7.01
CA ASP A 387 22.61 -11.07 -5.77
C ASP A 387 21.66 -11.42 -4.63
N PRO A 388 22.09 -12.20 -3.65
CA PRO A 388 21.19 -12.52 -2.52
C PRO A 388 20.77 -11.30 -1.71
N ASP A 389 21.53 -10.21 -1.78
CA ASP A 389 21.22 -9.01 -1.00
C ASP A 389 20.41 -7.99 -1.77
N ILE A 390 20.06 -8.24 -3.02
CA ILE A 390 19.09 -7.39 -3.69
C ILE A 390 17.70 -7.76 -3.20
N GLY A 391 16.91 -6.76 -2.80
CA GLY A 391 15.67 -7.00 -2.11
C GLY A 391 14.47 -7.19 -3.03
N GLY A 392 13.33 -7.45 -2.40
CA GLY A 392 12.09 -7.65 -3.12
C GLY A 392 11.12 -8.54 -2.36
N VAL A 393 10.81 -8.18 -1.12
CA VAL A 393 9.83 -8.91 -0.32
C VAL A 393 8.44 -8.41 -0.68
N ALA A 394 7.62 -9.31 -1.21
CA ALA A 394 6.26 -8.99 -1.58
C ALA A 394 5.28 -9.70 -0.66
N VAL A 395 4.09 -9.14 -0.52
CA VAL A 395 2.95 -9.81 0.10
CA VAL A 395 2.97 -9.83 0.10
C VAL A 395 1.84 -9.90 -0.92
N ALA A 396 0.98 -10.90 -0.76
CA ALA A 396 -0.17 -11.11 -1.64
C ALA A 396 -1.44 -10.80 -0.88
N PRO A 397 -1.89 -9.55 -0.84
CA PRO A 397 -3.11 -9.23 -0.09
C PRO A 397 -4.34 -9.83 -0.76
N THR A 398 -5.30 -10.23 0.07
CA THR A 398 -6.50 -10.91 -0.39
C THR A 398 -7.68 -9.95 -0.52
N HIS A 399 -8.75 -10.47 -1.10
CA HIS A 399 -10.01 -9.75 -1.24
C HIS A 399 -10.52 -9.33 0.14
N GLY A 400 -10.68 -8.03 0.35
CA GLY A 400 -11.18 -7.49 1.60
C GLY A 400 -10.13 -7.29 2.67
N SER A 401 -8.86 -7.53 2.37
CA SER A 401 -7.82 -7.38 3.39
C SER A 401 -7.49 -5.91 3.59
N ILE A 402 -6.85 -5.61 4.73
CA ILE A 402 -6.41 -4.28 5.10
C ILE A 402 -4.93 -4.33 5.42
N LEU A 403 -4.15 -3.47 4.76
CA LEU A 403 -2.70 -3.41 4.89
C LEU A 403 -2.30 -2.05 5.45
N ILE A 404 -1.38 -2.06 6.42
CA ILE A 404 -0.92 -0.85 7.11
C ILE A 404 0.59 -0.76 6.98
N GLU A 405 1.07 0.37 6.47
CA GLU A 405 2.50 0.56 6.30
C GLU A 405 2.80 2.06 6.25
N CYS A 406 4.03 2.42 6.65
CA CYS A 406 4.46 3.82 6.61
C CYS A 406 5.04 4.11 5.23
N ALA A 407 4.14 4.39 4.29
CA ALA A 407 4.54 4.62 2.90
C ALA A 407 5.40 5.86 2.74
N LYS A 408 5.39 6.76 3.71
CA LYS A 408 6.24 7.94 3.63
C LYS A 408 7.71 7.59 3.74
N ARG A 409 8.04 6.58 4.57
CA ARG A 409 9.42 6.23 4.85
C ARG A 409 9.92 5.01 4.08
N GLU A 410 9.06 4.03 3.81
CA GLU A 410 9.49 2.76 3.21
C GLU A 410 9.27 2.79 1.70
N LEU A 411 10.30 2.41 0.95
CA LEU A 411 10.16 2.28 -0.49
C LEU A 411 9.21 1.12 -0.80
N HIS A 412 8.26 1.34 -1.70
CA HIS A 412 7.30 0.29 -2.00
C HIS A 412 6.82 0.42 -3.43
N ALA A 413 6.15 -0.62 -3.89
CA ALA A 413 5.79 -0.76 -5.29
C ALA A 413 4.72 -1.84 -5.42
N THR A 414 4.06 -1.87 -6.57
CA THR A 414 3.18 -2.97 -6.92
C THR A 414 3.61 -3.53 -8.27
N THR A 415 3.36 -4.83 -8.47
CA THR A 415 3.86 -5.47 -9.68
C THR A 415 2.93 -5.22 -10.87
N PRO A 416 3.48 -5.22 -12.09
CA PRO A 416 2.64 -5.02 -13.27
C PRO A 416 1.80 -6.26 -13.58
N LEU A 417 0.59 -6.02 -14.07
CA LEU A 417 -0.28 -7.11 -14.49
C LEU A 417 0.11 -7.58 -15.87
N LYS A 418 -0.15 -8.86 -16.15
CA LYS A 418 0.17 -9.41 -17.46
C LYS A 418 -0.64 -8.73 -18.55
N ASN A 419 -1.92 -8.51 -18.31
CA ASN A 419 -2.81 -7.84 -19.26
C ASN A 419 -3.70 -6.89 -18.49
N PRO A 420 -3.21 -5.69 -18.19
CA PRO A 420 -4.01 -4.74 -17.41
C PRO A 420 -5.32 -4.40 -18.11
N ASN A 421 -6.39 -4.30 -17.32
CA ASN A 421 -7.71 -3.96 -17.84
C ASN A 421 -8.50 -3.32 -16.70
N ARG A 422 -8.55 -1.99 -16.67
CA ARG A 422 -9.25 -1.34 -15.58
C ARG A 422 -10.76 -1.48 -15.69
N ASN A 423 -11.28 -2.00 -16.82
CA ASN A 423 -12.70 -2.29 -16.93
C ASN A 423 -13.09 -3.61 -16.28
N HIS A 424 -12.11 -4.47 -16.00
CA HIS A 424 -12.35 -5.70 -15.23
C HIS A 424 -11.06 -6.04 -14.51
N PRO A 425 -10.70 -5.25 -13.50
CA PRO A 425 -9.32 -5.29 -12.99
C PRO A 425 -9.03 -6.55 -12.19
N THR A 426 -7.78 -7.01 -12.32
CA THR A 426 -7.30 -8.09 -11.45
C THR A 426 -7.29 -7.65 -9.99
N ARG A 427 -6.88 -6.41 -9.72
CA ARG A 427 -6.83 -5.92 -8.36
C ARG A 427 -7.16 -4.44 -8.32
N ILE A 428 -7.97 -4.04 -7.35
CA ILE A 428 -8.23 -2.66 -6.99
C ILE A 428 -7.65 -2.44 -5.61
N SER A 429 -6.90 -1.36 -5.43
CA SER A 429 -6.47 -0.94 -4.10
C SER A 429 -7.08 0.41 -3.77
N LEU A 430 -7.58 0.53 -2.55
CA LEU A 430 -8.09 1.79 -2.02
C LEU A 430 -7.13 2.23 -0.92
N VAL A 431 -6.49 3.38 -1.14
CA VAL A 431 -5.31 3.82 -0.38
C VAL A 431 -5.69 5.05 0.41
N PHE A 432 -5.72 4.94 1.74
CA PHE A 432 -6.19 5.99 2.65
C PHE A 432 -5.01 6.60 3.40
N TYR A 433 -4.92 7.93 3.39
CA TYR A 433 -3.74 8.61 3.90
C TYR A 433 -4.12 10.02 4.36
N GLN A 434 -3.17 10.67 5.02
CA GLN A 434 -3.29 12.09 5.34
C GLN A 434 -1.99 12.79 4.98
N HIS A 435 -2.11 13.87 4.21
CA HIS A 435 -0.94 14.63 3.81
C HIS A 435 -0.49 15.56 4.93
N LYS A 436 0.70 16.13 4.74
CA LYS A 436 1.22 17.11 5.68
C LYS A 436 0.47 18.44 5.52
N SER A 437 0.49 19.23 6.59
CA SER A 437 -0.01 20.60 6.58
C SER A 437 -1.48 20.67 6.17
N MET A 438 -2.28 19.74 6.65
CA MET A 438 -3.72 19.72 6.42
C MET A 438 -4.48 20.04 7.71
N ASN A 439 -4.00 21.05 8.44
CA ASN A 439 -4.47 21.31 9.79
C ASN A 439 -5.17 22.66 9.93
N GLU A 440 -5.58 23.28 8.82
CA GLU A 440 -6.25 24.57 8.90
C GLU A 440 -7.73 24.45 8.54
N PRO A 441 -8.59 25.23 9.18
CA PRO A 441 -10.03 25.11 8.91
C PRO A 441 -10.39 25.56 7.51
N LYS A 442 -11.48 24.98 6.99
CA LYS A 442 -12.04 25.36 5.70
C LYS A 442 -10.99 25.33 4.60
N HIS A 443 -10.20 24.25 4.60
CA HIS A 443 -9.16 24.01 3.58
C HIS A 443 -8.11 25.11 3.56
N GLY A 444 -7.94 25.83 4.67
CA GLY A 444 -6.94 26.88 4.72
C GLY A 444 -7.33 28.15 3.99
N LEU A 445 -8.63 28.43 3.88
CA LEU A 445 -9.08 29.61 3.14
C LEU A 445 -8.62 30.90 3.81
N ALA A 446 -8.64 30.95 5.15
CA ALA A 446 -8.24 32.17 5.85
C ALA A 446 -6.77 32.48 5.63
N LEU A 447 -5.90 31.47 5.71
CA LEU A 447 -4.49 31.69 5.45
C LEU A 447 -4.26 32.19 4.03
N TRP A 448 -4.99 31.63 3.06
CA TRP A 448 -4.80 32.01 1.66
C TRP A 448 -5.15 33.47 1.42
N GLU A 449 -6.16 33.98 2.12
CA GLU A 449 -6.58 35.36 1.94
C GLU A 449 -5.53 36.38 2.38
#